data_3L7O
#
_entry.id   3L7O
#
_cell.length_a   48.969
_cell.length_b   101.089
_cell.length_c   98.267
_cell.angle_alpha   90.00
_cell.angle_beta   90.00
_cell.angle_gamma   90.00
#
_symmetry.space_group_name_H-M   'P 21 21 21'
#
loop_
_entity.id
_entity.type
_entity.pdbx_description
1 polymer 'Ribose-5-phosphate isomerase A'
2 water water
#
_entity_poly.entity_id   1
_entity_poly.type   'polypeptide(L)'
_entity_poly.pdbx_seq_one_letter_code
;MEELKKIAGVRAAQYVEDGMIVGLGTGSTAYYFVEEVGRRVQEEGLQVIGVTTSSRTTAQAQALGIPLKSIDEVDSVDVT
VDGADEVDPNFNGIKGGGGALLMEKIVGTLTKDYIWVVDESKMVDTLGAFRLPVEVVQYGAERLFREFEKKGYKPSFREY
DGVRFVTDMKNFIIDLDLGSIPDPIAFGNMLDHQVGVVEHGLFNGMVNRVIVAGKDGVRILEANK
;
_entity_poly.pdbx_strand_id   A,B
#
# COMPACT_ATOMS: atom_id res chain seq x y z
N GLU A 2 -14.39 33.51 -6.65
CA GLU A 2 -15.15 32.50 -7.43
C GLU A 2 -15.05 32.73 -8.96
N GLU A 3 -15.23 34.03 -9.31
CA GLU A 3 -15.02 34.41 -10.71
C GLU A 3 -13.55 34.16 -10.96
N LEU A 4 -12.67 34.51 -9.98
CA LEU A 4 -11.19 34.36 -10.17
C LEU A 4 -10.88 32.88 -10.30
N LYS A 5 -11.56 32.04 -9.54
CA LYS A 5 -11.25 30.58 -9.59
C LYS A 5 -11.59 30.13 -10.97
N LYS A 6 -12.69 30.60 -11.54
CA LYS A 6 -12.99 30.07 -12.91
C LYS A 6 -11.89 30.56 -13.89
N ILE A 7 -11.51 31.82 -13.78
CA ILE A 7 -10.45 32.35 -14.68
C ILE A 7 -9.13 31.51 -14.52
N ALA A 8 -8.80 31.15 -13.29
CA ALA A 8 -7.61 30.35 -13.02
C ALA A 8 -7.74 28.90 -13.63
N GLY A 9 -8.88 28.25 -13.43
CA GLY A 9 -9.11 26.95 -14.00
C GLY A 9 -9.09 26.96 -15.56
N VAL A 10 -9.67 28.00 -16.16
CA VAL A 10 -9.61 28.13 -17.64
C VAL A 10 -8.14 28.38 -18.04
N ARG A 11 -7.43 29.24 -17.31
CA ARG A 11 -6.05 29.54 -17.71
C ARG A 11 -5.22 28.20 -17.66
N ALA A 12 -5.48 27.32 -16.69
CA ALA A 12 -4.73 26.09 -16.68
C ALA A 12 -5.07 25.17 -17.89
N ALA A 13 -6.27 25.34 -18.47
CA ALA A 13 -6.67 24.48 -19.60
C ALA A 13 -5.89 24.89 -20.82
N GLN A 14 -5.27 26.08 -20.83
CA GLN A 14 -4.46 26.47 -22.01
C GLN A 14 -3.20 25.56 -22.24
N TYR A 15 -2.77 24.83 -21.19
CA TYR A 15 -1.74 23.86 -21.39
C TYR A 15 -2.17 22.59 -22.12
N VAL A 16 -3.47 22.40 -22.30
CA VAL A 16 -4.00 21.27 -23.00
C VAL A 16 -4.07 21.55 -24.52
N GLU A 17 -3.48 20.64 -25.34
CA GLU A 17 -3.46 20.77 -26.83
C GLU A 17 -4.00 19.48 -27.42
N ASP A 18 -4.50 19.56 -28.69
CA ASP A 18 -5.00 18.46 -29.39
C ASP A 18 -4.05 17.30 -29.34
N GLY A 19 -4.59 16.09 -29.26
CA GLY A 19 -3.77 14.90 -29.26
C GLY A 19 -3.12 14.50 -27.88
N MET A 20 -3.32 15.28 -26.80
CA MET A 20 -2.73 14.95 -25.51
C MET A 20 -3.57 13.93 -24.75
N ILE A 21 -2.90 13.21 -23.82
CA ILE A 21 -3.53 12.45 -22.78
C ILE A 21 -3.52 13.45 -21.58
N VAL A 22 -4.67 13.64 -20.98
CA VAL A 22 -4.79 14.70 -19.97
C VAL A 22 -5.39 14.17 -18.67
N GLY A 23 -4.68 14.40 -17.59
CA GLY A 23 -5.26 14.03 -16.27
C GLY A 23 -6.24 15.06 -15.87
N LEU A 24 -7.34 14.51 -15.35
CA LEU A 24 -8.45 15.34 -14.96
C LEU A 24 -8.79 15.16 -13.45
N GLY A 25 -8.53 16.22 -12.69
CA GLY A 25 -8.52 16.10 -11.20
C GLY A 25 -9.78 16.73 -10.56
N THR A 26 -9.71 17.13 -9.28
CA THR A 26 -10.87 17.68 -8.55
C THR A 26 -10.33 18.82 -7.71
N GLY A 27 -11.24 19.68 -7.23
CA GLY A 27 -10.75 20.75 -6.43
C GLY A 27 -11.75 21.90 -6.74
N SER A 28 -11.85 22.86 -5.82
CA SER A 28 -12.75 23.99 -6.02
C SER A 28 -12.39 24.82 -7.28
N THR A 29 -11.06 24.99 -7.55
CA THR A 29 -10.59 25.65 -8.77
C THR A 29 -10.40 24.68 -9.96
N ALA A 30 -9.87 23.48 -9.71
CA ALA A 30 -9.59 22.52 -10.79
C ALA A 30 -10.93 22.10 -11.41
N TYR A 31 -12.07 22.19 -10.68
CA TYR A 31 -13.34 21.87 -11.35
C TYR A 31 -13.52 22.67 -12.68
N TYR A 32 -13.10 23.95 -12.66
CA TYR A 32 -13.25 24.84 -13.83
C TYR A 32 -12.33 24.42 -14.98
N PHE A 33 -11.16 23.81 -14.60
CA PHE A 33 -10.31 23.35 -15.64
C PHE A 33 -11.02 22.20 -16.38
N VAL A 34 -11.64 21.23 -15.67
CA VAL A 34 -12.30 20.16 -16.35
C VAL A 34 -13.44 20.68 -17.20
N GLU A 35 -14.19 21.69 -16.68
CA GLU A 35 -15.35 22.26 -17.47
C GLU A 35 -14.84 22.82 -18.77
N GLU A 36 -13.66 23.45 -18.71
CA GLU A 36 -13.08 24.16 -19.89
C GLU A 36 -12.58 23.11 -20.88
N VAL A 37 -11.91 22.03 -20.44
CA VAL A 37 -11.58 20.94 -21.40
C VAL A 37 -12.82 20.41 -22.09
N GLY A 38 -13.90 20.20 -21.27
CA GLY A 38 -15.14 19.69 -21.85
C GLY A 38 -15.75 20.68 -22.82
N ARG A 39 -15.75 21.97 -22.53
CA ARG A 39 -16.17 22.90 -23.48
C ARG A 39 -15.35 22.96 -24.82
N ARG A 40 -14.02 22.86 -24.77
CA ARG A 40 -13.17 22.85 -25.95
C ARG A 40 -13.49 21.59 -26.74
N VAL A 41 -13.84 20.49 -26.07
CA VAL A 41 -14.25 19.25 -26.82
C VAL A 41 -15.63 19.49 -27.54
N GLN A 42 -16.55 20.10 -26.84
CA GLN A 42 -17.92 20.33 -27.37
C GLN A 42 -17.87 21.39 -28.46
N GLU A 43 -17.02 22.41 -28.31
CA GLU A 43 -17.23 23.61 -29.16
C GLU A 43 -16.11 23.86 -30.12
N GLU A 44 -14.91 23.31 -29.88
CA GLU A 44 -13.70 23.70 -30.64
C GLU A 44 -13.03 22.51 -31.28
N GLY A 45 -13.66 21.35 -31.26
CA GLY A 45 -13.15 20.12 -31.92
C GLY A 45 -11.94 19.53 -31.20
N LEU A 46 -11.75 19.89 -29.93
CA LEU A 46 -10.50 19.43 -29.31
C LEU A 46 -10.56 17.88 -29.20
N GLN A 47 -9.41 17.28 -29.50
CA GLN A 47 -9.30 15.83 -29.45
C GLN A 47 -8.34 15.51 -28.35
N VAL A 48 -8.86 14.94 -27.25
CA VAL A 48 -8.05 14.49 -26.08
C VAL A 48 -8.62 13.18 -25.53
N ILE A 49 -7.82 12.53 -24.69
CA ILE A 49 -8.24 11.40 -23.86
C ILE A 49 -7.95 11.84 -22.42
N GLY A 50 -8.95 11.77 -21.52
CA GLY A 50 -8.79 12.14 -20.15
C GLY A 50 -8.59 10.89 -19.27
N VAL A 51 -7.91 11.12 -18.22
CA VAL A 51 -7.64 10.00 -17.23
C VAL A 51 -7.99 10.65 -15.93
N THR A 52 -9.03 10.13 -15.21
CA THR A 52 -9.52 10.97 -14.04
C THR A 52 -8.91 10.45 -12.73
N THR A 53 -8.98 11.25 -11.67
CA THR A 53 -8.36 10.84 -10.40
C THR A 53 -9.55 10.40 -9.48
N SER A 54 -10.83 10.50 -9.94
CA SER A 54 -11.97 10.35 -9.03
C SER A 54 -13.19 9.99 -9.83
N SER A 55 -14.13 9.19 -9.28
CA SER A 55 -15.31 8.81 -10.02
C SER A 55 -16.27 10.02 -10.11
N ARG A 56 -16.09 11.06 -9.29
CA ARG A 56 -16.89 12.29 -9.48
C ARG A 56 -16.42 13.01 -10.79
N THR A 57 -15.12 12.96 -11.05
CA THR A 57 -14.64 13.57 -12.31
C THR A 57 -14.98 12.68 -13.47
N THR A 58 -14.97 11.36 -13.29
CA THR A 58 -15.40 10.50 -14.40
C THR A 58 -16.86 10.89 -14.81
N ALA A 59 -17.73 11.13 -13.83
CA ALA A 59 -19.15 11.48 -14.17
C ALA A 59 -19.20 12.84 -14.87
N GLN A 60 -18.41 13.78 -14.34
CA GLN A 60 -18.34 15.16 -14.86
C GLN A 60 -17.90 15.07 -16.33
N ALA A 61 -16.78 14.37 -16.57
CA ALA A 61 -16.19 14.28 -17.93
C ALA A 61 -17.18 13.54 -18.88
N GLN A 62 -17.84 12.49 -18.40
CA GLN A 62 -18.79 11.76 -19.28
C GLN A 62 -19.96 12.70 -19.63
N ALA A 63 -20.45 13.51 -18.66
CA ALA A 63 -21.54 14.45 -18.98
C ALA A 63 -21.06 15.39 -20.10
N LEU A 64 -19.79 15.83 -20.05
CA LEU A 64 -19.27 16.76 -21.06
C LEU A 64 -18.79 16.05 -22.36
N GLY A 65 -18.81 14.69 -22.36
CA GLY A 65 -18.41 13.96 -23.56
C GLY A 65 -16.88 14.03 -23.77
N ILE A 66 -16.07 14.17 -22.71
CA ILE A 66 -14.64 13.98 -22.90
C ILE A 66 -14.32 12.46 -22.90
N PRO A 67 -13.68 11.95 -23.99
CA PRO A 67 -13.43 10.49 -23.99
C PRO A 67 -12.43 10.14 -22.85
N LEU A 68 -12.64 9.03 -22.17
CA LEU A 68 -11.75 8.65 -21.06
C LEU A 68 -11.03 7.30 -21.26
N LYS A 69 -9.93 7.11 -20.55
CA LYS A 69 -9.29 5.80 -20.45
C LYS A 69 -8.70 5.69 -19.05
N SER A 70 -8.31 4.46 -18.59
CA SER A 70 -7.53 4.38 -17.34
C SER A 70 -6.01 4.66 -17.59
N ILE A 71 -5.28 4.95 -16.52
CA ILE A 71 -3.84 5.14 -16.57
C ILE A 71 -3.15 3.87 -17.19
N ASP A 72 -3.77 2.68 -17.04
CA ASP A 72 -3.17 1.48 -17.56
C ASP A 72 -3.25 1.40 -19.12
N GLU A 73 -4.17 2.19 -19.72
CA GLU A 73 -4.41 2.16 -21.15
C GLU A 73 -3.74 3.27 -21.85
N VAL A 74 -2.90 4.04 -21.20
CA VAL A 74 -2.08 5.01 -22.01
C VAL A 74 -0.58 4.88 -21.68
N ASP A 75 0.32 5.45 -22.48
CA ASP A 75 1.76 5.38 -22.14
C ASP A 75 2.35 6.40 -21.18
N SER A 76 1.77 7.59 -21.08
CA SER A 76 2.33 8.81 -20.43
C SER A 76 1.03 9.68 -20.40
N VAL A 77 0.90 10.47 -19.37
CA VAL A 77 -0.06 11.55 -19.35
C VAL A 77 0.69 12.89 -19.68
N ASP A 78 0.32 13.61 -20.74
CA ASP A 78 1.00 14.78 -21.07
C ASP A 78 0.87 15.91 -20.02
N VAL A 79 -0.34 16.15 -19.58
CA VAL A 79 -0.61 17.31 -18.70
C VAL A 79 -1.71 16.82 -17.77
N THR A 80 -1.54 17.09 -16.51
CA THR A 80 -2.56 16.82 -15.45
C THR A 80 -2.79 18.10 -14.76
N VAL A 81 -4.06 18.48 -14.62
CA VAL A 81 -4.37 19.58 -13.73
C VAL A 81 -5.23 19.06 -12.59
N ASP A 82 -4.79 19.29 -11.34
CA ASP A 82 -5.56 18.79 -10.20
C ASP A 82 -5.54 19.92 -9.19
N GLY A 83 -6.37 19.78 -8.19
CA GLY A 83 -6.38 20.71 -7.05
C GLY A 83 -5.39 20.25 -6.00
N ALA A 84 -5.34 21.04 -4.94
CA ALA A 84 -4.56 20.66 -3.73
C ALA A 84 -5.12 21.24 -2.50
N ASP A 85 -5.02 20.54 -1.38
CA ASP A 85 -5.57 21.11 -0.15
C ASP A 85 -4.63 22.16 0.50
N GLU A 86 -3.34 21.92 0.28
CA GLU A 86 -2.30 22.92 0.76
C GLU A 86 -1.13 22.84 -0.21
N VAL A 87 -0.44 24.00 -0.40
CA VAL A 87 0.81 23.96 -1.16
C VAL A 87 1.75 24.90 -0.45
N ASP A 88 3.00 24.46 -0.28
CA ASP A 88 3.99 25.22 0.56
C ASP A 88 4.96 25.91 -0.45
N PRO A 89 5.78 26.83 0.04
CA PRO A 89 6.64 27.56 -0.86
C PRO A 89 7.73 26.68 -1.52
N ASN A 90 7.95 25.42 -1.10
CA ASN A 90 8.88 24.48 -1.74
C ASN A 90 8.15 23.51 -2.68
N PHE A 91 6.90 23.86 -3.00
CA PHE A 91 6.14 23.09 -4.03
C PHE A 91 5.94 21.66 -3.56
N ASN A 92 5.84 21.49 -2.25
CA ASN A 92 5.20 20.23 -1.72
C ASN A 92 3.74 20.58 -1.33
N GLY A 93 2.85 19.58 -1.22
CA GLY A 93 1.48 19.85 -0.93
C GLY A 93 0.84 18.74 -0.18
N ILE A 94 -0.27 19.06 0.44
CA ILE A 94 -1.19 18.05 1.01
C ILE A 94 -2.36 17.88 0.01
N LYS A 95 -2.65 16.61 -0.39
CA LYS A 95 -3.82 16.26 -1.15
C LYS A 95 -4.59 15.13 -0.43
N GLY A 96 -5.78 14.88 -0.95
CA GLY A 96 -6.56 13.73 -0.56
C GLY A 96 -7.72 14.09 0.32
N GLY A 97 -7.90 15.39 0.61
CA GLY A 97 -9.08 15.85 1.42
C GLY A 97 -10.41 15.30 0.88
N GLY A 98 -10.46 15.02 -0.43
CA GLY A 98 -11.71 14.50 -1.02
C GLY A 98 -11.74 12.99 -1.12
N GLY A 99 -10.67 12.36 -0.61
CA GLY A 99 -10.60 10.93 -0.56
C GLY A 99 -9.85 10.27 -1.63
N ALA A 100 -9.36 11.04 -2.65
CA ALA A 100 -8.86 10.37 -3.90
C ALA A 100 -7.30 10.34 -3.89
N LEU A 101 -6.66 10.43 -2.74
CA LEU A 101 -5.16 10.59 -2.75
C LEU A 101 -4.40 9.50 -3.57
N LEU A 102 -4.87 8.25 -3.50
CA LEU A 102 -4.12 7.14 -4.13
C LEU A 102 -4.14 7.30 -5.63
N MET A 103 -5.33 7.35 -6.30
CA MET A 103 -5.36 7.59 -7.76
C MET A 103 -4.76 8.96 -8.10
N GLU A 104 -4.93 10.00 -7.23
CA GLU A 104 -4.28 11.26 -7.58
C GLU A 104 -2.75 11.06 -7.68
N LYS A 105 -2.17 10.31 -6.72
CA LYS A 105 -0.68 10.17 -6.70
C LYS A 105 -0.21 9.26 -7.88
N ILE A 106 -1.00 8.22 -8.20
CA ILE A 106 -0.66 7.31 -9.29
C ILE A 106 -0.66 8.17 -10.63
N VAL A 107 -1.70 8.99 -10.89
CA VAL A 107 -1.83 9.77 -12.11
C VAL A 107 -0.76 10.85 -12.17
N GLY A 108 -0.50 11.47 -10.98
CA GLY A 108 0.55 12.52 -10.83
C GLY A 108 1.94 11.99 -11.21
N THR A 109 2.25 10.76 -10.73
CA THR A 109 3.59 10.13 -10.98
C THR A 109 3.86 9.90 -12.48
N LEU A 110 2.81 9.62 -13.22
CA LEU A 110 2.90 9.31 -14.59
C LEU A 110 2.77 10.57 -15.46
N THR A 111 2.75 11.76 -14.88
CA THR A 111 2.40 12.94 -15.69
C THR A 111 3.67 13.68 -16.08
N LYS A 112 3.79 14.07 -17.36
CA LYS A 112 4.97 14.93 -17.78
C LYS A 112 4.86 16.32 -17.29
N ASP A 113 3.68 16.95 -17.39
CA ASP A 113 3.57 18.40 -16.95
C ASP A 113 2.44 18.37 -15.94
N TYR A 114 2.86 18.31 -14.66
CA TYR A 114 1.89 18.18 -13.58
C TYR A 114 1.62 19.55 -12.93
N ILE A 115 0.34 19.98 -12.96
CA ILE A 115 -0.06 21.31 -12.54
C ILE A 115 -1.14 21.18 -11.42
N TRP A 116 -0.94 22.01 -10.41
CA TRP A 116 -1.95 22.23 -9.43
C TRP A 116 -2.56 23.60 -9.68
N VAL A 117 -3.90 23.67 -9.58
CA VAL A 117 -4.58 25.00 -9.82
C VAL A 117 -5.46 25.19 -8.57
N VAL A 118 -5.22 26.31 -7.84
CA VAL A 118 -5.90 26.45 -6.56
C VAL A 118 -6.29 27.88 -6.39
N ASP A 119 -6.93 28.19 -5.24
CA ASP A 119 -7.07 29.63 -4.87
C ASP A 119 -6.08 29.99 -3.71
N GLU A 120 -5.96 31.28 -3.41
CA GLU A 120 -4.96 31.75 -2.41
C GLU A 120 -4.96 31.04 -1.05
N SER A 121 -6.11 30.58 -0.62
CA SER A 121 -6.26 30.00 0.71
C SER A 121 -5.62 28.64 0.81
N LYS A 122 -5.23 28.09 -0.33
CA LYS A 122 -4.53 26.74 -0.28
C LYS A 122 -3.00 26.94 -0.22
N MET A 123 -2.51 28.17 -0.52
CA MET A 123 -1.08 28.52 -0.35
C MET A 123 -0.78 28.77 1.15
N VAL A 124 0.14 28.00 1.68
CA VAL A 124 0.53 28.06 3.09
C VAL A 124 2.02 28.16 3.27
N ASP A 125 2.45 28.70 4.42
CA ASP A 125 3.84 28.80 4.71
C ASP A 125 4.47 27.50 5.10
N THR A 126 3.72 26.70 5.84
CA THR A 126 4.13 25.42 6.26
C THR A 126 2.90 24.52 6.17
N LEU A 127 3.07 23.33 5.64
CA LEU A 127 1.94 22.41 5.56
C LEU A 127 1.53 21.96 6.97
N GLY A 128 0.26 21.53 7.14
CA GLY A 128 -0.16 20.84 8.38
C GLY A 128 -1.44 21.33 9.07
N ALA A 129 -1.91 22.55 8.75
CA ALA A 129 -3.17 23.05 9.38
C ALA A 129 -4.28 22.18 8.84
N PHE A 130 -4.18 21.73 7.55
CA PHE A 130 -5.11 20.78 7.01
C PHE A 130 -4.68 19.34 7.44
N ARG A 131 -5.63 18.53 7.91
CA ARG A 131 -5.37 17.13 8.35
C ARG A 131 -4.80 16.35 7.22
N LEU A 132 -3.73 15.59 7.52
CA LEU A 132 -3.09 14.76 6.46
C LEU A 132 -3.83 13.45 6.23
N PRO A 133 -4.29 13.21 4.96
CA PRO A 133 -4.96 11.91 4.78
C PRO A 133 -3.97 10.76 4.63
N VAL A 134 -4.23 9.64 5.26
CA VAL A 134 -3.40 8.51 5.19
C VAL A 134 -4.35 7.31 4.86
N GLU A 135 -4.09 6.73 3.66
CA GLU A 135 -4.88 5.63 3.19
C GLU A 135 -4.27 4.32 3.75
N VAL A 136 -5.11 3.52 4.43
CA VAL A 136 -4.57 2.41 5.25
C VAL A 136 -5.25 1.07 4.91
N VAL A 137 -4.50 -0.04 5.04
CA VAL A 137 -5.00 -1.39 4.74
C VAL A 137 -6.13 -1.71 5.80
N GLN A 138 -7.27 -2.31 5.35
CA GLN A 138 -8.33 -2.53 6.29
C GLN A 138 -7.89 -3.38 7.51
N TYR A 139 -7.25 -4.54 7.21
CA TYR A 139 -6.78 -5.43 8.23
C TYR A 139 -5.69 -4.83 9.13
N GLY A 140 -6.05 -4.61 10.42
CA GLY A 140 -5.11 -3.88 11.30
C GLY A 140 -5.26 -2.35 11.28
N ALA A 141 -6.23 -1.80 10.57
CA ALA A 141 -6.40 -0.35 10.54
C ALA A 141 -6.66 0.19 11.95
N GLU A 142 -7.44 -0.53 12.77
CA GLU A 142 -7.73 0.05 14.10
C GLU A 142 -6.54 0.05 15.06
N ARG A 143 -5.80 -1.02 15.00
CA ARG A 143 -4.52 -1.07 15.74
C ARG A 143 -3.57 0.02 15.27
N LEU A 144 -3.48 0.24 13.91
CA LEU A 144 -2.62 1.31 13.41
C LEU A 144 -3.12 2.69 13.90
N PHE A 145 -4.45 2.87 13.87
CA PHE A 145 -5.04 4.14 14.47
C PHE A 145 -4.47 4.38 15.91
N ARG A 146 -4.44 3.29 16.72
CA ARG A 146 -4.01 3.41 18.12
C ARG A 146 -2.58 3.77 18.21
N GLU A 147 -1.77 3.24 17.30
CA GLU A 147 -0.31 3.54 17.22
C GLU A 147 -0.17 5.03 16.82
N PHE A 148 -0.95 5.49 15.87
CA PHE A 148 -0.87 6.91 15.53
C PHE A 148 -1.35 7.79 16.67
N GLU A 149 -2.37 7.35 17.39
CA GLU A 149 -2.77 8.08 18.54
C GLU A 149 -1.65 8.15 19.60
N LYS A 150 -0.99 7.00 19.89
CA LYS A 150 0.04 7.00 20.88
C LYS A 150 1.23 7.88 20.40
N LYS A 151 1.45 8.06 19.11
CA LYS A 151 2.53 8.89 18.65
C LYS A 151 2.17 10.36 18.65
N GLY A 152 0.94 10.65 18.96
CA GLY A 152 0.53 12.06 19.13
C GLY A 152 0.04 12.62 17.79
N TYR A 153 -0.20 11.75 16.82
CA TYR A 153 -0.67 12.28 15.49
C TYR A 153 -2.14 12.68 15.43
N LYS A 154 -2.92 12.62 16.53
CA LYS A 154 -4.37 12.94 16.54
C LYS A 154 -5.17 12.41 15.34
N PRO A 155 -5.17 11.08 15.21
CA PRO A 155 -5.95 10.51 14.10
C PRO A 155 -7.50 10.52 14.21
N SER A 156 -8.15 10.56 13.02
CA SER A 156 -9.55 10.27 13.04
C SER A 156 -9.83 9.49 11.76
N PHE A 157 -10.73 8.48 11.85
CA PHE A 157 -11.05 7.79 10.61
C PHE A 157 -11.93 8.65 9.75
N ARG A 158 -11.69 8.62 8.44
CA ARG A 158 -12.55 9.34 7.48
C ARG A 158 -13.94 8.66 7.47
N GLU A 159 -15.01 9.42 7.67
CA GLU A 159 -16.32 8.82 7.64
C GLU A 159 -17.32 9.89 7.07
N TYR A 160 -18.45 9.43 6.49
CA TYR A 160 -19.43 10.39 5.91
C TYR A 160 -20.72 9.87 6.36
N ASP A 161 -21.56 10.73 7.00
CA ASP A 161 -22.87 10.20 7.49
C ASP A 161 -22.75 9.04 8.39
N GLY A 162 -21.70 8.99 9.18
CA GLY A 162 -21.67 7.90 10.18
C GLY A 162 -20.96 6.62 9.58
N VAL A 163 -20.69 6.58 8.26
CA VAL A 163 -20.18 5.34 7.58
C VAL A 163 -18.68 5.48 7.29
N ARG A 164 -17.85 4.53 7.83
CA ARG A 164 -16.40 4.70 7.64
C ARG A 164 -16.12 4.68 6.14
N PHE A 165 -15.35 5.65 5.65
CA PHE A 165 -15.14 5.76 4.21
C PHE A 165 -14.23 4.58 3.60
N VAL A 166 -14.74 3.89 2.55
CA VAL A 166 -14.01 2.89 1.77
C VAL A 166 -13.53 3.52 0.45
N THR A 167 -12.19 3.50 0.27
CA THR A 167 -11.64 4.24 -0.92
C THR A 167 -11.90 3.37 -2.13
N ASP A 168 -11.62 3.93 -3.32
CA ASP A 168 -11.83 3.22 -4.54
C ASP A 168 -11.09 1.90 -4.55
N MET A 169 -9.84 1.92 -4.01
CA MET A 169 -9.12 0.61 -3.97
C MET A 169 -9.40 -0.25 -2.74
N LYS A 170 -10.45 0.09 -1.98
CA LYS A 170 -10.91 -0.72 -0.85
C LYS A 170 -10.08 -0.63 0.41
N ASN A 171 -9.65 0.59 0.75
CA ASN A 171 -8.91 0.84 1.97
C ASN A 171 -9.68 1.82 2.78
N PHE A 172 -9.17 2.15 3.98
CA PHE A 172 -9.82 3.22 4.75
C PHE A 172 -8.88 4.40 4.62
N ILE A 173 -9.32 5.55 5.16
CA ILE A 173 -8.42 6.65 5.40
C ILE A 173 -8.39 7.03 6.83
N ILE A 174 -7.18 7.28 7.34
CA ILE A 174 -7.13 7.89 8.68
C ILE A 174 -6.56 9.30 8.45
N ASP A 175 -7.24 10.34 8.86
CA ASP A 175 -6.65 11.65 8.72
C ASP A 175 -5.86 12.01 9.96
N LEU A 176 -4.64 12.53 9.81
CA LEU A 176 -3.84 12.89 10.99
C LEU A 176 -3.84 14.35 11.22
N ASP A 177 -4.14 14.79 12.48
CA ASP A 177 -4.14 16.24 12.70
C ASP A 177 -2.76 16.59 13.20
N LEU A 178 -1.78 16.81 12.30
CA LEU A 178 -0.41 17.08 12.73
C LEU A 178 -0.14 18.54 13.09
N GLY A 179 -1.03 19.45 12.71
CA GLY A 179 -0.79 20.90 12.99
C GLY A 179 0.24 21.56 12.09
N SER A 180 1.41 20.95 11.99
CA SER A 180 2.49 21.61 11.24
C SER A 180 3.44 20.44 10.89
N ILE A 181 3.96 20.49 9.69
CA ILE A 181 4.81 19.40 9.18
C ILE A 181 6.05 20.13 8.59
N PRO A 182 7.00 20.46 9.40
CA PRO A 182 7.98 21.36 8.88
C PRO A 182 8.96 20.59 7.96
N ASP A 183 8.95 19.26 8.06
CA ASP A 183 9.88 18.45 7.14
C ASP A 183 9.02 17.38 6.44
N PRO A 184 8.32 17.79 5.37
CA PRO A 184 7.32 16.85 4.87
C PRO A 184 8.03 15.66 4.14
N ILE A 185 9.26 15.91 3.73
CA ILE A 185 9.96 14.80 3.03
C ILE A 185 10.22 13.73 4.06
N ALA A 186 10.79 14.07 5.26
CA ALA A 186 11.06 13.06 6.27
C ALA A 186 9.78 12.35 6.77
N PHE A 187 8.74 13.14 6.91
CA PHE A 187 7.46 12.58 7.42
C PHE A 187 6.85 11.57 6.41
N GLY A 188 6.82 11.95 5.12
CA GLY A 188 6.35 11.05 4.09
C GLY A 188 7.20 9.80 4.07
N ASN A 189 8.51 9.95 4.14
CA ASN A 189 9.40 8.76 4.17
C ASN A 189 9.05 7.82 5.30
N MET A 190 8.76 8.38 6.46
CA MET A 190 8.43 7.58 7.61
C MET A 190 7.12 6.89 7.38
N LEU A 191 6.10 7.63 6.88
CA LEU A 191 4.86 6.87 6.54
C LEU A 191 5.07 5.80 5.50
N ASP A 192 5.93 6.07 4.53
CA ASP A 192 6.07 5.03 3.47
C ASP A 192 6.57 3.71 4.04
N HIS A 193 7.34 3.77 5.14
CA HIS A 193 7.79 2.53 5.90
C HIS A 193 6.84 1.93 6.89
N GLN A 194 5.67 2.54 7.03
CA GLN A 194 4.80 2.04 8.08
C GLN A 194 3.96 0.91 7.48
N VAL A 195 4.15 -0.31 8.03
CA VAL A 195 3.30 -1.47 7.60
C VAL A 195 1.87 -1.16 7.90
N GLY A 196 1.02 -1.26 6.88
CA GLY A 196 -0.42 -1.01 7.07
C GLY A 196 -0.80 0.31 6.35
N VAL A 197 0.21 1.12 5.89
CA VAL A 197 -0.14 2.37 5.13
C VAL A 197 -0.01 2.10 3.65
N VAL A 198 -1.09 2.33 2.91
CA VAL A 198 -1.05 2.16 1.46
C VAL A 198 -0.43 3.40 0.81
N GLU A 199 -0.86 4.58 1.26
CA GLU A 199 -0.32 5.81 0.63
C GLU A 199 -0.72 6.92 1.51
N HIS A 200 -0.08 8.02 1.32
CA HIS A 200 -0.37 9.23 2.11
C HIS A 200 -0.45 10.47 1.26
N GLY A 201 -1.00 11.56 1.82
CA GLY A 201 -1.36 12.73 1.05
C GLY A 201 -0.22 13.78 0.94
N LEU A 202 1.03 13.48 1.33
CA LEU A 202 2.14 14.44 1.11
C LEU A 202 2.59 14.16 -0.35
N PHE A 203 2.47 15.19 -1.20
CA PHE A 203 2.96 15.10 -2.60
C PHE A 203 4.19 15.96 -2.63
N ASN A 204 5.34 15.30 -2.64
CA ASN A 204 6.57 16.07 -2.43
C ASN A 204 7.40 16.05 -3.69
N GLY A 205 7.83 17.23 -4.14
CA GLY A 205 8.73 17.26 -5.33
C GLY A 205 8.05 16.77 -6.61
N MET A 206 6.72 16.81 -6.64
CA MET A 206 6.02 16.23 -7.82
C MET A 206 5.60 17.32 -8.82
N VAL A 207 4.89 18.27 -8.29
CA VAL A 207 4.31 19.32 -9.12
C VAL A 207 5.33 20.23 -9.85
N ASN A 208 4.97 20.52 -11.12
CA ASN A 208 5.77 21.38 -12.03
C ASN A 208 5.42 22.84 -11.93
N ARG A 209 4.16 23.15 -11.66
CA ARG A 209 3.71 24.51 -11.77
C ARG A 209 2.43 24.59 -10.93
N VAL A 210 2.26 25.71 -10.26
CA VAL A 210 1.08 25.91 -9.42
C VAL A 210 0.47 27.22 -10.02
N ILE A 211 -0.83 27.17 -10.29
CA ILE A 211 -1.51 28.32 -10.80
C ILE A 211 -2.50 28.73 -9.77
N VAL A 212 -2.43 30.02 -9.34
CA VAL A 212 -3.22 30.45 -8.15
C VAL A 212 -4.18 31.57 -8.52
N ALA A 213 -5.46 31.45 -8.10
CA ALA A 213 -6.41 32.52 -8.35
C ALA A 213 -5.94 33.75 -7.49
N GLY A 217 -5.81 35.78 -8.52
CA GLY A 217 -4.44 36.23 -8.87
C GLY A 217 -4.63 37.01 -10.16
N VAL A 218 -4.37 36.35 -11.31
CA VAL A 218 -4.05 34.87 -11.44
C VAL A 218 -2.52 34.83 -11.53
N ARG A 219 -1.88 33.95 -10.81
CA ARG A 219 -0.43 33.88 -10.82
C ARG A 219 0.03 32.49 -11.16
N ILE A 220 1.09 32.40 -11.99
CA ILE A 220 1.68 31.10 -12.37
C ILE A 220 3.04 31.01 -11.66
N LEU A 221 3.14 30.08 -10.75
CA LEU A 221 4.41 29.78 -10.01
C LEU A 221 5.11 28.50 -10.65
N GLU A 222 6.38 28.62 -11.08
CA GLU A 222 7.12 27.48 -11.62
C GLU A 222 7.91 26.79 -10.46
N ALA A 223 7.79 25.45 -10.35
CA ALA A 223 8.50 24.66 -9.39
C ALA A 223 9.91 24.52 -9.99
N ASN A 224 10.84 24.14 -9.13
CA ASN A 224 12.20 23.90 -9.65
C ASN A 224 12.11 22.84 -10.75
N LYS A 225 12.13 21.56 -10.46
CA LYS A 225 11.66 20.65 -11.58
C LYS A 225 11.54 21.29 -12.98
N GLU B 2 7.84 -32.46 2.23
CA GLU B 2 6.33 -32.54 2.73
C GLU B 2 6.14 -33.19 4.12
N GLU B 3 6.79 -34.32 4.29
CA GLU B 3 6.92 -34.85 5.67
C GLU B 3 7.81 -33.90 6.58
N LEU B 4 8.81 -33.26 5.98
CA LEU B 4 9.71 -32.34 6.74
C LEU B 4 8.86 -31.07 7.16
N LYS B 5 8.09 -30.58 6.20
CA LYS B 5 7.14 -29.44 6.46
C LYS B 5 6.26 -29.81 7.65
N LYS B 6 5.72 -31.05 7.69
CA LYS B 6 4.89 -31.37 8.85
C LYS B 6 5.62 -31.44 10.17
N ILE B 7 6.85 -32.02 10.18
CA ILE B 7 7.59 -32.13 11.48
C ILE B 7 7.91 -30.65 12.00
N ALA B 8 8.24 -29.75 11.05
CA ALA B 8 8.57 -28.39 11.49
C ALA B 8 7.33 -27.68 12.12
N GLY B 9 6.16 -27.79 11.45
CA GLY B 9 4.89 -27.06 11.82
C GLY B 9 4.45 -27.60 13.20
N VAL B 10 4.49 -28.93 13.33
CA VAL B 10 4.09 -29.58 14.65
C VAL B 10 4.98 -29.18 15.84
N ARG B 11 6.32 -29.15 15.62
CA ARG B 11 7.31 -28.83 16.63
C ARG B 11 6.98 -27.39 17.12
N ALA B 12 6.69 -26.49 16.19
CA ALA B 12 6.42 -25.07 16.54
C ALA B 12 5.23 -24.89 17.48
N ALA B 13 4.24 -25.80 17.33
CA ALA B 13 3.07 -25.76 18.18
C ALA B 13 3.40 -25.88 19.62
N GLN B 14 4.56 -26.43 19.96
CA GLN B 14 5.09 -26.49 21.36
C GLN B 14 5.39 -25.16 21.99
N TYR B 15 5.54 -24.11 21.18
CA TYR B 15 5.83 -22.86 21.79
C TYR B 15 4.57 -22.15 22.24
N VAL B 16 3.41 -22.70 21.89
CA VAL B 16 2.13 -22.07 22.29
C VAL B 16 1.63 -22.58 23.70
N GLU B 17 1.19 -21.63 24.57
CA GLU B 17 0.78 -21.86 25.97
C GLU B 17 -0.63 -21.30 26.17
N ASP B 18 -1.36 -21.83 27.15
CA ASP B 18 -2.64 -21.23 27.61
C ASP B 18 -2.56 -19.71 27.79
N GLY B 19 -3.60 -19.03 27.33
CA GLY B 19 -3.70 -17.60 27.49
C GLY B 19 -2.99 -16.76 26.40
N MET B 20 -2.41 -17.39 25.40
CA MET B 20 -1.70 -16.65 24.33
C MET B 20 -2.66 -16.21 23.26
N ILE B 21 -2.30 -15.07 22.68
CA ILE B 21 -2.78 -14.67 21.39
C ILE B 21 -1.76 -15.20 20.42
N VAL B 22 -2.23 -15.92 19.40
CA VAL B 22 -1.30 -16.71 18.54
C VAL B 22 -1.56 -16.34 17.07
N GLY B 23 -0.58 -15.75 16.39
CA GLY B 23 -0.69 -15.55 14.91
C GLY B 23 -0.61 -16.87 14.17
N LEU B 24 -1.52 -17.04 13.24
CA LEU B 24 -1.65 -18.27 12.45
C LEU B 24 -1.17 -17.99 11.07
N GLY B 25 -0.01 -18.61 10.66
CA GLY B 25 0.58 -18.38 9.33
C GLY B 25 -0.23 -19.03 8.19
N THR B 26 0.33 -18.89 6.96
CA THR B 26 -0.29 -19.43 5.78
C THR B 26 0.72 -20.26 5.00
N GLY B 27 0.22 -21.22 4.24
CA GLY B 27 1.14 -21.96 3.41
C GLY B 27 1.31 -23.36 3.92
N SER B 28 1.97 -24.17 3.08
CA SER B 28 1.95 -25.62 3.25
C SER B 28 2.75 -26.08 4.48
N THR B 29 3.61 -25.22 5.07
CA THR B 29 4.24 -25.60 6.27
C THR B 29 3.48 -25.09 7.52
N ALA B 30 3.08 -23.77 7.50
CA ALA B 30 2.24 -23.29 8.60
C ALA B 30 0.97 -24.06 8.75
N TYR B 31 0.47 -24.62 7.66
CA TYR B 31 -0.75 -25.42 7.74
C TYR B 31 -0.63 -26.51 8.79
N TYR B 32 0.52 -27.21 8.85
CA TYR B 32 0.68 -28.23 9.91
C TYR B 32 0.71 -27.70 11.32
N PHE B 33 1.30 -26.53 11.51
CA PHE B 33 1.21 -25.88 12.76
C PHE B 33 -0.23 -25.58 13.20
N VAL B 34 -1.05 -25.03 12.26
CA VAL B 34 -2.47 -24.73 12.51
C VAL B 34 -3.21 -25.99 12.89
N GLU B 35 -3.01 -27.02 12.13
CA GLU B 35 -3.60 -28.37 12.42
C GLU B 35 -3.28 -28.80 13.84
N GLU B 36 -2.02 -28.67 14.18
CA GLU B 36 -1.56 -29.17 15.50
C GLU B 36 -2.11 -28.29 16.63
N VAL B 37 -2.12 -26.94 16.48
CA VAL B 37 -2.78 -26.11 17.45
C VAL B 37 -4.30 -26.51 17.68
N GLY B 38 -4.97 -26.79 16.59
CA GLY B 38 -6.39 -27.23 16.63
C GLY B 38 -6.42 -28.54 17.42
N ARG B 39 -5.47 -29.44 17.15
CA ARG B 39 -5.41 -30.77 17.88
C ARG B 39 -5.21 -30.48 19.35
N ARG B 40 -4.26 -29.66 19.70
CA ARG B 40 -4.10 -29.36 21.18
C ARG B 40 -5.27 -28.66 21.80
N VAL B 41 -5.97 -27.78 21.08
CA VAL B 41 -7.16 -27.13 21.63
C VAL B 41 -8.21 -28.20 21.93
N GLN B 42 -8.36 -29.23 21.06
CA GLN B 42 -9.44 -30.20 21.36
C GLN B 42 -9.00 -31.26 22.38
N GLU B 43 -7.76 -31.72 22.34
CA GLU B 43 -7.35 -32.87 23.19
C GLU B 43 -6.98 -32.33 24.63
N GLU B 44 -6.47 -31.10 24.72
CA GLU B 44 -5.82 -30.68 25.98
C GLU B 44 -6.66 -29.60 26.59
N GLY B 45 -7.61 -29.06 25.86
CA GLY B 45 -8.26 -27.83 26.26
C GLY B 45 -7.41 -26.57 26.29
N LEU B 46 -6.37 -26.56 25.45
CA LEU B 46 -5.47 -25.37 25.33
C LEU B 46 -6.33 -24.18 25.00
N GLN B 47 -6.10 -23.09 25.69
CA GLN B 47 -6.89 -21.86 25.60
C GLN B 47 -6.03 -20.84 24.83
N VAL B 48 -6.38 -20.61 23.56
CA VAL B 48 -5.69 -19.60 22.81
C VAL B 48 -6.74 -18.76 22.05
N ILE B 49 -6.26 -17.65 21.50
CA ILE B 49 -7.06 -16.93 20.58
C ILE B 49 -6.13 -16.73 19.38
N GLY B 50 -6.58 -17.24 18.25
CA GLY B 50 -5.85 -17.12 16.94
C GLY B 50 -6.08 -15.81 16.25
N VAL B 51 -5.01 -15.28 15.60
CA VAL B 51 -5.19 -14.11 14.76
C VAL B 51 -4.70 -14.46 13.40
N THR B 52 -5.57 -14.27 12.39
CA THR B 52 -5.29 -14.87 11.08
C THR B 52 -4.27 -14.09 10.24
N THR B 53 -3.67 -14.81 9.24
CA THR B 53 -2.90 -14.14 8.19
C THR B 53 -3.50 -14.35 6.80
N SER B 54 -4.68 -14.97 6.70
CA SER B 54 -5.29 -15.03 5.36
C SER B 54 -6.69 -15.64 5.51
N SER B 55 -7.46 -15.45 4.45
CA SER B 55 -8.87 -15.99 4.44
C SER B 55 -8.74 -17.55 4.48
N ARG B 56 -7.77 -18.19 3.81
CA ARG B 56 -7.62 -19.66 3.84
C ARG B 56 -7.40 -20.12 5.29
N THR B 57 -6.46 -19.49 5.98
CA THR B 57 -6.17 -19.80 7.38
C THR B 57 -7.37 -19.59 8.29
N THR B 58 -8.09 -18.50 8.07
CA THR B 58 -9.35 -18.30 8.81
C THR B 58 -10.30 -19.52 8.71
N ALA B 59 -10.53 -19.97 7.46
CA ALA B 59 -11.45 -21.16 7.20
C ALA B 59 -10.85 -22.35 7.89
N GLN B 60 -9.51 -22.51 7.81
CA GLN B 60 -8.91 -23.79 8.36
C GLN B 60 -9.10 -23.75 9.91
N ALA B 61 -8.77 -22.60 10.52
CA ALA B 61 -8.91 -22.46 11.99
C ALA B 61 -10.36 -22.66 12.48
N GLN B 62 -11.29 -22.09 11.74
CA GLN B 62 -12.76 -22.20 12.14
C GLN B 62 -13.15 -23.65 12.04
N ALA B 63 -12.69 -24.36 11.03
CA ALA B 63 -13.05 -25.85 10.88
C ALA B 63 -12.50 -26.60 12.07
N LEU B 64 -11.26 -26.18 12.48
CA LEU B 64 -10.59 -26.87 13.62
C LEU B 64 -11.16 -26.44 15.02
N GLY B 65 -11.98 -25.41 15.06
CA GLY B 65 -12.52 -24.89 16.32
C GLY B 65 -11.54 -24.04 17.14
N ILE B 66 -10.55 -23.42 16.46
CA ILE B 66 -9.62 -22.56 17.15
C ILE B 66 -10.30 -21.16 17.30
N PRO B 67 -10.47 -20.67 18.51
CA PRO B 67 -11.18 -19.36 18.61
C PRO B 67 -10.32 -18.24 17.92
N LEU B 68 -11.04 -17.34 17.26
CA LEU B 68 -10.39 -16.26 16.48
C LEU B 68 -10.80 -14.84 16.92
N LYS B 69 -9.82 -13.93 16.80
CA LYS B 69 -10.13 -12.49 16.91
C LYS B 69 -9.36 -11.80 15.82
N SER B 70 -9.83 -10.64 15.33
CA SER B 70 -9.08 -9.77 14.44
C SER B 70 -7.80 -9.24 15.11
N ILE B 71 -6.78 -8.99 14.30
CA ILE B 71 -5.61 -8.21 14.75
C ILE B 71 -6.14 -6.85 15.47
N ASP B 72 -7.28 -6.28 15.05
CA ASP B 72 -7.86 -5.02 15.58
C ASP B 72 -8.34 -5.08 16.99
N GLU B 73 -8.60 -6.31 17.39
CA GLU B 73 -9.25 -6.55 18.65
C GLU B 73 -8.20 -6.99 19.75
N VAL B 74 -6.87 -6.94 19.47
CA VAL B 74 -5.79 -7.40 20.43
C VAL B 74 -4.71 -6.33 20.56
N ASP B 75 -3.97 -6.20 21.68
CA ASP B 75 -2.92 -5.13 21.51
C ASP B 75 -1.56 -5.64 21.05
N SER B 76 -1.28 -6.94 21.33
CA SER B 76 -0.09 -7.58 20.74
C SER B 76 -0.28 -9.08 20.58
N VAL B 77 0.61 -9.66 19.78
CA VAL B 77 0.48 -11.07 19.52
C VAL B 77 1.66 -11.77 20.23
N ASP B 78 1.37 -12.78 21.02
CA ASP B 78 2.45 -13.43 21.83
C ASP B 78 3.44 -14.23 20.97
N VAL B 79 2.85 -15.03 20.10
CA VAL B 79 3.66 -15.97 19.32
C VAL B 79 2.94 -16.08 17.94
N THR B 80 3.73 -15.98 16.88
CA THR B 80 3.18 -16.19 15.50
C THR B 80 4.09 -17.22 14.86
N VAL B 81 3.45 -18.21 14.21
CA VAL B 81 4.27 -19.22 13.47
C VAL B 81 3.86 -19.15 12.01
N ASP B 82 4.86 -18.97 11.12
CA ASP B 82 4.48 -18.85 9.69
C ASP B 82 5.66 -19.40 8.90
N GLY B 83 5.46 -19.61 7.60
CA GLY B 83 6.54 -20.20 6.77
C GLY B 83 7.41 -19.12 6.16
N ALA B 84 8.31 -19.55 5.32
CA ALA B 84 9.16 -18.61 4.61
C ALA B 84 9.59 -19.27 3.28
N ASP B 85 9.75 -18.44 2.20
CA ASP B 85 10.23 -19.00 0.90
C ASP B 85 11.74 -19.06 0.95
N GLU B 86 12.31 -18.05 1.63
CA GLU B 86 13.77 -18.05 1.79
C GLU B 86 14.17 -17.51 3.13
N VAL B 87 15.22 -18.05 3.72
CA VAL B 87 15.79 -17.39 4.97
C VAL B 87 17.33 -17.30 4.84
N ASP B 88 17.88 -16.10 5.03
CA ASP B 88 19.32 -15.94 4.89
C ASP B 88 20.02 -16.09 6.24
N PRO B 89 21.37 -16.08 6.29
CA PRO B 89 22.00 -16.28 7.60
C PRO B 89 21.92 -15.10 8.59
N ASN B 90 21.34 -13.98 8.11
CA ASN B 90 21.17 -12.84 8.96
C ASN B 90 19.70 -12.83 9.39
N PHE B 91 18.96 -13.95 9.20
CA PHE B 91 17.55 -14.02 9.56
C PHE B 91 16.62 -12.97 8.90
N ASN B 92 16.99 -12.60 7.64
CA ASN B 92 16.10 -11.92 6.75
C ASN B 92 15.48 -12.95 5.91
N GLY B 93 14.21 -12.72 5.50
CA GLY B 93 13.58 -13.70 4.58
C GLY B 93 12.82 -13.07 3.42
N ILE B 94 12.49 -13.92 2.44
CA ILE B 94 11.47 -13.57 1.42
C ILE B 94 10.26 -14.41 1.77
N LYS B 95 9.11 -13.72 1.82
CA LYS B 95 7.78 -14.35 1.97
C LYS B 95 6.83 -13.87 0.85
N GLY B 96 5.68 -14.56 0.72
CA GLY B 96 4.63 -14.20 -0.21
C GLY B 96 4.45 -15.16 -1.36
N GLY B 97 5.22 -16.25 -1.35
CA GLY B 97 5.08 -17.24 -2.43
C GLY B 97 3.65 -17.75 -2.50
N GLY B 98 2.93 -17.73 -1.36
CA GLY B 98 1.59 -18.28 -1.36
C GLY B 98 0.57 -17.14 -1.48
N GLY B 99 1.00 -15.90 -1.61
CA GLY B 99 0.04 -14.85 -1.89
C GLY B 99 -0.42 -14.00 -0.69
N ALA B 100 0.07 -14.32 0.50
CA ALA B 100 -0.49 -13.68 1.72
C ALA B 100 0.53 -12.81 2.49
N LEU B 101 1.58 -12.31 1.81
CA LEU B 101 2.55 -11.45 2.47
C LEU B 101 2.01 -10.28 3.22
N LEU B 102 0.91 -9.67 2.76
CA LEU B 102 0.53 -8.40 3.39
C LEU B 102 -0.02 -8.65 4.84
N MET B 103 -1.04 -9.48 4.92
CA MET B 103 -1.49 -9.82 6.30
C MET B 103 -0.44 -10.58 7.14
N GLU B 104 0.45 -11.41 6.53
CA GLU B 104 1.55 -12.03 7.28
C GLU B 104 2.50 -10.92 7.85
N LYS B 105 2.82 -9.86 7.06
CA LYS B 105 3.70 -8.84 7.61
C LYS B 105 3.00 -7.98 8.73
N ILE B 106 1.70 -7.70 8.53
CA ILE B 106 0.95 -6.94 9.51
C ILE B 106 0.98 -7.72 10.87
N VAL B 107 0.66 -9.01 10.85
CA VAL B 107 0.63 -9.81 12.11
C VAL B 107 2.09 -9.97 12.63
N GLY B 108 3.08 -10.28 11.75
CA GLY B 108 4.48 -10.47 12.19
C GLY B 108 5.04 -9.22 12.88
N THR B 109 4.69 -8.02 12.41
CA THR B 109 5.21 -6.81 12.94
C THR B 109 4.73 -6.61 14.38
N LEU B 110 3.56 -7.16 14.68
CA LEU B 110 2.93 -6.89 15.98
C LEU B 110 3.24 -8.14 16.89
N THR B 111 4.14 -9.01 16.50
CA THR B 111 4.42 -10.26 17.28
C THR B 111 5.64 -10.19 18.20
N LYS B 112 5.47 -10.61 19.48
CA LYS B 112 6.58 -10.63 20.40
C LYS B 112 7.57 -11.75 20.10
N ASP B 113 7.07 -12.98 19.87
CA ASP B 113 7.97 -14.14 19.53
C ASP B 113 7.52 -14.69 18.14
N TYR B 114 8.25 -14.25 17.12
CA TYR B 114 7.94 -14.51 15.75
C TYR B 114 8.77 -15.70 15.24
N ILE B 115 8.10 -16.79 14.84
CA ILE B 115 8.81 -18.01 14.51
C ILE B 115 8.49 -18.42 13.09
N TRP B 116 9.52 -18.68 12.31
CA TRP B 116 9.28 -19.32 11.02
C TRP B 116 9.54 -20.79 11.08
N VAL B 117 8.70 -21.56 10.34
CA VAL B 117 8.92 -23.01 10.15
C VAL B 117 9.28 -23.24 8.73
N VAL B 118 10.36 -24.04 8.50
CA VAL B 118 10.72 -24.37 7.15
C VAL B 118 11.40 -25.78 7.10
N ASP B 119 11.53 -26.29 5.87
CA ASP B 119 12.36 -27.45 5.60
C ASP B 119 13.75 -26.90 5.20
N GLU B 120 14.76 -27.78 5.22
CA GLU B 120 16.15 -27.40 4.95
C GLU B 120 16.35 -26.65 3.66
N SER B 121 15.47 -26.90 2.66
CA SER B 121 15.71 -26.30 1.30
C SER B 121 15.48 -24.75 1.33
N LYS B 122 14.81 -24.21 2.41
CA LYS B 122 14.55 -22.73 2.40
C LYS B 122 15.72 -21.87 2.92
N MET B 123 16.79 -22.51 3.42
CA MET B 123 17.94 -21.83 4.02
C MET B 123 18.87 -21.52 2.85
N VAL B 124 19.15 -20.21 2.53
CA VAL B 124 19.93 -19.92 1.40
C VAL B 124 21.05 -19.00 1.89
N ASP B 125 22.18 -18.98 1.18
CA ASP B 125 23.26 -18.11 1.56
C ASP B 125 22.97 -16.64 1.36
N THR B 126 22.27 -16.33 0.25
CA THR B 126 21.89 -14.96 -0.10
C THR B 126 20.49 -14.97 -0.65
N LEU B 127 19.64 -14.03 -0.18
CA LEU B 127 18.33 -14.02 -0.68
C LEU B 127 18.28 -13.67 -2.20
N GLY B 128 17.22 -14.15 -2.88
CA GLY B 128 16.92 -13.57 -4.26
C GLY B 128 16.73 -14.56 -5.37
N ALA B 129 17.10 -15.83 -5.20
CA ALA B 129 16.83 -16.75 -6.31
C ALA B 129 15.28 -16.98 -6.44
N PHE B 130 14.62 -17.04 -5.30
CA PHE B 130 13.18 -17.04 -5.26
C PHE B 130 12.66 -15.59 -5.67
N ARG B 131 11.80 -15.55 -6.74
CA ARG B 131 11.33 -14.18 -7.21
C ARG B 131 10.62 -13.44 -6.05
N LEU B 132 10.98 -12.13 -5.89
CA LEU B 132 10.44 -11.34 -4.77
C LEU B 132 8.96 -10.97 -5.03
N PRO B 133 8.03 -11.37 -4.14
CA PRO B 133 6.60 -10.99 -4.39
C PRO B 133 6.44 -9.52 -3.98
N VAL B 134 5.70 -8.73 -4.79
CA VAL B 134 5.45 -7.35 -4.41
C VAL B 134 3.89 -7.19 -4.57
N GLU B 135 3.19 -6.74 -3.51
CA GLU B 135 1.72 -6.56 -3.60
C GLU B 135 1.51 -5.13 -4.11
N VAL B 136 0.64 -5.02 -5.12
CA VAL B 136 0.47 -3.76 -5.86
C VAL B 136 -0.94 -3.37 -6.03
N VAL B 137 -1.14 -2.03 -5.96
CA VAL B 137 -2.47 -1.47 -6.25
C VAL B 137 -3.02 -1.91 -7.63
N GLN B 138 -4.33 -2.22 -7.72
CA GLN B 138 -4.88 -2.65 -9.01
C GLN B 138 -4.75 -1.51 -10.04
N TYR B 139 -5.21 -0.33 -9.60
CA TYR B 139 -5.31 0.82 -10.51
C TYR B 139 -3.90 1.25 -10.82
N GLY B 140 -3.54 1.20 -12.11
CA GLY B 140 -2.12 1.62 -12.44
C GLY B 140 -1.06 0.49 -12.31
N ALA B 141 -1.52 -0.75 -11.99
CA ALA B 141 -0.55 -1.89 -11.92
C ALA B 141 0.16 -2.11 -13.23
N GLU B 142 -0.50 -1.93 -14.35
CA GLU B 142 0.22 -2.20 -15.63
C GLU B 142 1.29 -1.17 -15.92
N ARG B 143 1.02 0.10 -15.54
CA ARG B 143 2.03 1.15 -15.62
C ARG B 143 3.16 0.84 -14.65
N LEU B 144 2.81 0.38 -13.44
CA LEU B 144 3.88 -0.06 -12.51
C LEU B 144 4.74 -1.23 -13.02
N PHE B 145 4.10 -2.25 -13.57
CA PHE B 145 4.83 -3.34 -14.20
C PHE B 145 5.81 -2.79 -15.23
N ARG B 146 5.34 -1.85 -16.05
CA ARG B 146 6.28 -1.28 -17.08
C ARG B 146 7.46 -0.59 -16.48
N GLU B 147 7.25 0.14 -15.39
CA GLU B 147 8.34 0.84 -14.69
C GLU B 147 9.32 -0.21 -14.15
N PHE B 148 8.77 -1.32 -13.63
CA PHE B 148 9.64 -2.36 -13.05
C PHE B 148 10.43 -3.03 -14.19
N GLU B 149 9.85 -3.21 -15.37
CA GLU B 149 10.59 -3.73 -16.52
C GLU B 149 11.74 -2.77 -16.89
N LYS B 150 11.45 -1.45 -16.94
CA LYS B 150 12.50 -0.43 -17.27
C LYS B 150 13.64 -0.48 -16.26
N LYS B 151 13.33 -0.76 -14.97
CA LYS B 151 14.35 -0.81 -13.95
C LYS B 151 15.20 -2.13 -13.99
N GLY B 152 14.82 -3.08 -14.87
CA GLY B 152 15.50 -4.35 -14.99
C GLY B 152 15.12 -5.35 -13.88
N TYR B 153 13.94 -5.20 -13.22
CA TYR B 153 13.55 -6.11 -12.14
C TYR B 153 12.85 -7.36 -12.69
N LYS B 154 12.55 -7.42 -14.01
CA LYS B 154 12.11 -8.63 -14.64
C LYS B 154 10.78 -9.05 -13.97
N PRO B 155 9.76 -8.21 -14.05
CA PRO B 155 8.48 -8.55 -13.38
C PRO B 155 7.62 -9.62 -14.11
N SER B 156 6.81 -10.29 -13.37
CA SER B 156 5.66 -10.99 -13.91
C SER B 156 4.49 -10.88 -12.94
N PHE B 157 3.29 -10.69 -13.50
CA PHE B 157 2.10 -10.84 -12.63
C PHE B 157 1.89 -12.22 -12.06
N ARG B 158 1.54 -12.32 -10.78
CA ARG B 158 1.13 -13.61 -10.20
C ARG B 158 -0.20 -14.05 -10.86
N GLU B 159 -0.20 -15.28 -11.39
CA GLU B 159 -1.45 -15.78 -11.97
C GLU B 159 -1.42 -17.28 -11.68
N TYR B 160 -2.61 -17.88 -11.54
CA TYR B 160 -2.78 -19.33 -11.37
C TYR B 160 -3.79 -19.83 -12.40
N ASP B 161 -3.35 -20.81 -13.18
CA ASP B 161 -4.15 -21.23 -14.36
C ASP B 161 -4.62 -20.14 -15.28
N GLY B 162 -3.75 -19.24 -15.60
CA GLY B 162 -4.14 -18.07 -16.37
C GLY B 162 -5.07 -17.04 -15.71
N VAL B 163 -5.41 -17.20 -14.42
CA VAL B 163 -6.24 -16.20 -13.74
C VAL B 163 -5.31 -15.31 -12.91
N ARG B 164 -5.36 -14.01 -13.17
CA ARG B 164 -4.50 -13.01 -12.41
C ARG B 164 -4.90 -13.05 -10.95
N PHE B 165 -3.90 -13.20 -10.07
CA PHE B 165 -4.16 -13.44 -8.69
C PHE B 165 -4.64 -12.15 -8.00
N VAL B 166 -5.66 -12.27 -7.14
CA VAL B 166 -6.15 -11.11 -6.34
C VAL B 166 -6.02 -11.49 -4.86
N THR B 167 -5.31 -10.62 -4.09
CA THR B 167 -5.07 -10.94 -2.73
C THR B 167 -6.32 -10.67 -1.83
N ASP B 168 -6.23 -11.05 -0.56
CA ASP B 168 -7.29 -10.90 0.42
C ASP B 168 -7.65 -9.42 0.63
N MET B 169 -6.61 -8.53 0.56
CA MET B 169 -6.95 -7.13 0.60
C MET B 169 -7.23 -6.53 -0.79
N LYS B 170 -7.45 -7.38 -1.80
CA LYS B 170 -7.93 -6.90 -3.20
C LYS B 170 -6.83 -6.19 -4.01
N ASN B 171 -5.57 -6.67 -3.90
CA ASN B 171 -4.56 -6.13 -4.76
C ASN B 171 -4.05 -7.24 -5.71
N PHE B 172 -3.11 -6.89 -6.58
CA PHE B 172 -2.45 -7.93 -7.38
C PHE B 172 -1.08 -8.18 -6.76
N ILE B 173 -0.39 -9.20 -7.26
CA ILE B 173 1.04 -9.34 -6.94
C ILE B 173 1.88 -9.30 -8.21
N ILE B 174 2.99 -8.55 -8.18
CA ILE B 174 3.98 -8.65 -9.28
C ILE B 174 5.24 -9.31 -8.58
N ASP B 175 5.72 -10.44 -9.13
CA ASP B 175 6.93 -11.07 -8.68
C ASP B 175 8.11 -10.49 -9.46
N LEU B 176 9.24 -10.27 -8.78
CA LEU B 176 10.42 -9.62 -9.45
C LEU B 176 11.50 -10.74 -9.50
N ASP B 177 12.02 -10.99 -10.71
CA ASP B 177 13.09 -11.97 -10.89
C ASP B 177 14.39 -11.24 -10.69
N LEU B 178 14.75 -11.11 -9.39
CA LEU B 178 15.94 -10.33 -9.05
C LEU B 178 17.23 -11.14 -8.95
N GLY B 179 17.15 -12.46 -8.79
CA GLY B 179 18.36 -13.34 -8.76
C GLY B 179 19.11 -13.27 -7.40
N SER B 180 19.49 -12.07 -6.96
CA SER B 180 20.30 -11.92 -5.82
C SER B 180 20.02 -10.56 -5.21
N ILE B 181 19.78 -10.51 -3.91
CA ILE B 181 19.45 -9.19 -3.25
C ILE B 181 20.54 -8.89 -2.19
N PRO B 182 21.65 -8.24 -2.61
CA PRO B 182 22.82 -8.12 -1.72
C PRO B 182 22.48 -7.28 -0.37
N ASP B 183 21.50 -6.38 -0.45
CA ASP B 183 21.12 -5.45 0.65
C ASP B 183 19.54 -5.43 0.71
N PRO B 184 18.98 -6.49 1.28
CA PRO B 184 17.48 -6.57 1.30
C PRO B 184 16.86 -5.48 2.15
N ILE B 185 17.53 -4.98 3.21
CA ILE B 185 17.00 -3.80 3.90
C ILE B 185 16.81 -2.58 2.90
N ALA B 186 17.88 -2.22 2.16
CA ALA B 186 17.83 -1.14 1.24
C ALA B 186 16.82 -1.39 0.20
N PHE B 187 16.78 -2.59 -0.33
CA PHE B 187 15.93 -2.78 -1.47
C PHE B 187 14.45 -2.67 -0.98
N GLY B 188 14.13 -3.29 0.16
CA GLY B 188 12.72 -3.17 0.77
C GLY B 188 12.40 -1.69 1.00
N ASN B 189 13.34 -0.96 1.59
CA ASN B 189 13.04 0.41 1.95
C ASN B 189 12.85 1.22 0.67
N MET B 190 13.54 0.84 -0.41
CA MET B 190 13.40 1.59 -1.68
C MET B 190 11.99 1.24 -2.25
N LEU B 191 11.60 -0.05 -2.22
CA LEU B 191 10.28 -0.40 -2.71
C LEU B 191 9.16 0.27 -1.88
N ASP B 192 9.43 0.53 -0.62
CA ASP B 192 8.42 1.23 0.20
C ASP B 192 8.08 2.60 -0.32
N HIS B 193 9.00 3.25 -1.09
CA HIS B 193 8.71 4.65 -1.52
C HIS B 193 7.96 4.60 -2.90
N GLN B 194 7.80 3.39 -3.45
CA GLN B 194 7.22 3.32 -4.85
C GLN B 194 5.68 3.46 -4.81
N VAL B 195 5.14 4.52 -5.42
CA VAL B 195 3.68 4.68 -5.45
C VAL B 195 3.09 3.51 -6.31
N GLY B 196 2.03 2.95 -5.71
CA GLY B 196 1.43 1.81 -6.36
C GLY B 196 1.89 0.48 -5.71
N VAL B 197 2.91 0.48 -4.85
CA VAL B 197 3.30 -0.69 -4.11
C VAL B 197 2.63 -0.63 -2.75
N VAL B 198 1.89 -1.72 -2.47
CA VAL B 198 1.21 -1.85 -1.14
C VAL B 198 2.24 -2.38 -0.05
N GLU B 199 2.94 -3.48 -0.39
CA GLU B 199 3.82 -4.14 0.55
C GLU B 199 4.71 -5.03 -0.33
N HIS B 200 5.85 -5.49 0.24
CA HIS B 200 6.70 -6.39 -0.53
C HIS B 200 7.11 -7.51 0.42
N GLY B 201 7.63 -8.55 -0.18
CA GLY B 201 7.89 -9.78 0.55
C GLY B 201 9.26 -9.86 1.30
N LEU B 202 10.00 -8.75 1.42
CA LEU B 202 11.22 -8.84 2.23
C LEU B 202 10.84 -8.59 3.70
N PHE B 203 11.16 -9.61 4.57
CA PHE B 203 10.84 -9.54 6.01
C PHE B 203 12.24 -9.50 6.64
N ASN B 204 12.67 -8.30 6.92
CA ASN B 204 14.04 -8.11 7.44
C ASN B 204 14.02 -7.77 8.95
N GLY B 205 14.90 -8.40 9.71
CA GLY B 205 15.12 -8.11 11.10
C GLY B 205 13.87 -8.48 11.89
N MET B 206 13.03 -9.42 11.40
CA MET B 206 11.72 -9.68 12.07
C MET B 206 11.71 -10.95 12.89
N VAL B 207 12.04 -12.04 12.23
CA VAL B 207 11.89 -13.35 12.84
C VAL B 207 12.81 -13.46 14.08
N ASN B 208 12.33 -14.13 15.13
CA ASN B 208 13.15 -14.45 16.33
C ASN B 208 13.75 -15.84 16.30
N ARG B 209 12.99 -16.80 15.81
CA ARG B 209 13.42 -18.21 15.85
C ARG B 209 13.06 -18.86 14.52
N VAL B 210 13.98 -19.59 13.97
CA VAL B 210 13.72 -20.46 12.79
C VAL B 210 13.83 -21.93 13.11
N ILE B 211 12.75 -22.64 12.87
CA ILE B 211 12.71 -24.08 13.14
C ILE B 211 12.91 -24.76 11.77
N VAL B 212 14.04 -25.49 11.60
CA VAL B 212 14.41 -26.06 10.27
C VAL B 212 14.32 -27.59 10.44
N ALA B 213 13.43 -28.21 9.70
CA ALA B 213 13.39 -29.72 9.71
C ALA B 213 14.15 -30.21 8.47
N GLY B 214 15.07 -31.18 8.64
CA GLY B 214 15.88 -31.69 7.48
C GLY B 214 16.01 -33.21 7.68
N LYS B 215 16.53 -33.90 6.68
CA LYS B 215 16.87 -35.34 6.81
C LYS B 215 17.54 -35.69 8.21
N ASP B 216 18.39 -34.80 8.80
CA ASP B 216 19.16 -35.17 10.05
C ASP B 216 18.48 -34.86 11.41
N GLY B 217 17.46 -34.00 11.36
CA GLY B 217 16.67 -33.73 12.51
C GLY B 217 16.20 -32.30 12.40
N VAL B 218 15.78 -31.77 13.49
CA VAL B 218 15.21 -30.45 13.49
C VAL B 218 16.24 -29.57 14.16
N ARG B 219 16.58 -28.44 13.58
CA ARG B 219 17.43 -27.41 14.24
C ARG B 219 16.61 -26.21 14.58
N ILE B 220 16.90 -25.61 15.74
CA ILE B 220 16.16 -24.47 16.21
C ILE B 220 17.21 -23.37 16.21
N LEU B 221 17.01 -22.39 15.30
CA LEU B 221 17.96 -21.32 15.07
C LEU B 221 17.45 -20.03 15.69
N GLU B 222 18.28 -19.47 16.56
CA GLU B 222 17.92 -18.26 17.29
C GLU B 222 18.50 -17.02 16.60
N ALA B 223 17.66 -16.03 16.36
CA ALA B 223 18.19 -14.78 15.76
C ALA B 223 18.97 -13.94 16.75
N ASN B 224 18.62 -14.07 18.04
CA ASN B 224 19.27 -13.22 19.11
C ASN B 224 19.46 -11.75 18.73
N LYS B 225 18.34 -11.04 18.69
CA LYS B 225 18.34 -9.61 18.23
C LYS B 225 19.23 -8.59 19.01
#